data_1MPV
#
_entry.id   1MPV
#
_entity_poly.entity_id   1
_entity_poly.type   'polypeptide(L)'
_entity_poly.pdbx_seq_one_letter_code
;(ACE)CHWDLLVRHWVC(NH2)
;
_entity_poly.pdbx_strand_id   A
#
# COMPACT_ATOMS: atom_id res chain seq x y z
N CYS A 2 4.71 -0.84 -7.11
CA CYS A 2 3.44 -0.46 -6.51
C CYS A 2 2.74 -1.69 -5.95
N HIS A 3 2.92 -1.93 -4.64
CA HIS A 3 2.27 -2.99 -3.89
C HIS A 3 1.32 -2.38 -2.87
N TRP A 4 0.17 -3.02 -2.64
CA TRP A 4 -0.83 -2.55 -1.71
C TRP A 4 -0.40 -2.82 -0.28
N ASP A 5 -0.11 -1.75 0.48
CA ASP A 5 0.12 -1.81 1.91
C ASP A 5 -1.24 -1.63 2.59
N LEU A 6 -1.86 -2.76 2.98
CA LEU A 6 -3.14 -2.79 3.67
C LEU A 6 -3.08 -2.22 5.09
N LEU A 7 -1.89 -2.05 5.67
CA LEU A 7 -1.73 -1.53 7.02
C LEU A 7 -2.22 -0.08 7.09
N VAL A 8 -1.72 0.76 6.19
CA VAL A 8 -2.12 2.16 6.05
C VAL A 8 -3.30 2.27 5.08
N ARG A 9 -3.35 1.37 4.09
CA ARG A 9 -4.39 1.25 3.06
C ARG A 9 -4.08 2.18 1.89
N HIS A 10 -2.90 2.00 1.29
CA HIS A 10 -2.46 2.75 0.11
C HIS A 10 -1.50 1.91 -0.73
N TRP A 11 -1.25 2.37 -1.96
CA TRP A 11 -0.28 1.79 -2.87
C TRP A 11 1.10 2.39 -2.59
N VAL A 12 2.04 1.54 -2.17
CA VAL A 12 3.42 1.92 -1.88
C VAL A 12 4.26 1.50 -3.08
N CYS A 13 4.75 2.50 -3.84
CA CYS A 13 5.52 2.30 -5.05
C CYS A 13 7.01 2.49 -4.72
N CYS A 2 4.60 -0.78 -7.21
CA CYS A 2 3.36 -0.42 -6.55
C CYS A 2 2.68 -1.66 -5.98
N HIS A 3 2.87 -1.89 -4.68
CA HIS A 3 2.21 -2.96 -3.93
C HIS A 3 1.32 -2.35 -2.86
N TRP A 4 0.13 -2.92 -2.67
CA TRP A 4 -0.86 -2.41 -1.72
C TRP A 4 -0.45 -2.76 -0.30
N ASP A 5 -0.21 -1.73 0.52
CA ASP A 5 0.05 -1.89 1.95
C ASP A 5 -1.29 -1.83 2.67
N LEU A 6 -1.73 -2.97 3.22
CA LEU A 6 -2.97 -3.13 3.95
C LEU A 6 -3.02 -2.26 5.20
N LEU A 7 -1.88 -2.11 5.90
CA LEU A 7 -1.79 -1.42 7.18
C LEU A 7 -2.35 0.00 7.09
N VAL A 8 -1.83 0.80 6.15
CA VAL A 8 -2.25 2.18 5.92
C VAL A 8 -3.41 2.23 4.91
N ARG A 9 -3.47 1.26 4.00
CA ARG A 9 -4.42 1.20 2.89
C ARG A 9 -4.03 2.21 1.81
N HIS A 10 -2.82 2.04 1.25
CA HIS A 10 -2.35 2.82 0.12
C HIS A 10 -1.37 2.01 -0.73
N TRP A 11 -1.14 2.47 -1.96
CA TRP A 11 -0.16 1.88 -2.88
C TRP A 11 1.23 2.42 -2.54
N VAL A 12 2.14 1.52 -2.17
CA VAL A 12 3.53 1.83 -1.88
C VAL A 12 4.34 1.45 -3.12
N CYS A 13 4.78 2.47 -3.87
CA CYS A 13 5.51 2.32 -5.12
C CYS A 13 7.01 2.50 -4.84
N CYS A 2 3.41 -0.50 -7.97
CA CYS A 2 3.34 -0.39 -6.52
C CYS A 2 2.70 -1.64 -5.92
N HIS A 3 3.03 -1.94 -4.66
CA HIS A 3 2.40 -2.98 -3.87
C HIS A 3 1.37 -2.35 -2.93
N TRP A 4 0.31 -3.08 -2.60
CA TRP A 4 -0.72 -2.60 -1.70
C TRP A 4 -0.24 -2.76 -0.25
N ASP A 5 -0.05 -1.62 0.44
CA ASP A 5 0.21 -1.61 1.86
C ASP A 5 -1.14 -1.53 2.58
N LEU A 6 -1.62 -2.70 3.02
CA LEU A 6 -2.89 -2.87 3.71
C LEU A 6 -2.91 -2.21 5.09
N LEU A 7 -1.72 -2.01 5.71
CA LEU A 7 -1.60 -1.42 7.03
C LEU A 7 -2.25 -0.03 7.05
N VAL A 8 -1.81 0.84 6.14
CA VAL A 8 -2.34 2.20 5.99
C VAL A 8 -3.51 2.20 5.00
N ARG A 9 -3.54 1.22 4.08
CA ARG A 9 -4.53 1.07 3.02
C ARG A 9 -4.27 2.08 1.90
N HIS A 10 -3.07 2.00 1.32
CA HIS A 10 -2.67 2.76 0.15
C HIS A 10 -1.63 1.99 -0.66
N TRP A 11 -1.41 2.42 -1.90
CA TRP A 11 -0.40 1.85 -2.78
C TRP A 11 0.96 2.50 -2.48
N VAL A 12 2.02 1.67 -2.44
CA VAL A 12 3.38 2.07 -2.12
C VAL A 12 4.33 1.44 -3.12
N CYS A 13 5.12 2.27 -3.80
CA CYS A 13 6.19 1.83 -4.71
C CYS A 13 7.50 1.94 -3.93
N CYS A 2 3.44 -0.53 -7.98
CA CYS A 2 3.37 -0.41 -6.53
C CYS A 2 2.71 -1.66 -5.93
N HIS A 3 3.05 -1.95 -4.67
CA HIS A 3 2.40 -3.00 -3.89
C HIS A 3 1.39 -2.35 -2.95
N TRP A 4 0.30 -3.07 -2.64
CA TRP A 4 -0.72 -2.58 -1.72
C TRP A 4 -0.26 -2.74 -0.28
N ASP A 5 -0.06 -1.62 0.41
CA ASP A 5 0.19 -1.60 1.84
C ASP A 5 -1.16 -1.52 2.56
N LEU A 6 -1.66 -2.68 2.98
CA LEU A 6 -2.92 -2.83 3.71
C LEU A 6 -2.88 -2.13 5.06
N LEU A 7 -1.70 -2.00 5.67
CA LEU A 7 -1.53 -1.42 7.00
C LEU A 7 -2.14 -0.02 7.08
N VAL A 8 -1.77 0.86 6.13
CA VAL A 8 -2.34 2.20 6.01
C VAL A 8 -3.58 2.17 5.10
N ARG A 9 -3.56 1.29 4.09
CA ARG A 9 -4.58 1.10 3.06
C ARG A 9 -4.30 2.04 1.89
N HIS A 10 -3.09 1.96 1.33
CA HIS A 10 -2.70 2.72 0.14
C HIS A 10 -1.66 1.96 -0.66
N TRP A 11 -1.42 2.40 -1.90
CA TRP A 11 -0.38 1.86 -2.77
C TRP A 11 0.97 2.47 -2.41
N VAL A 12 2.02 1.65 -2.42
CA VAL A 12 3.38 2.04 -2.08
C VAL A 12 4.33 1.42 -3.12
N CYS A 13 5.10 2.27 -3.80
CA CYS A 13 6.19 1.85 -4.68
C CYS A 13 7.51 1.99 -3.94
N CYS A 2 4.55 -0.72 -7.28
CA CYS A 2 3.33 -0.39 -6.57
C CYS A 2 2.68 -1.64 -5.99
N HIS A 3 2.89 -1.87 -4.69
CA HIS A 3 2.28 -2.96 -3.94
C HIS A 3 1.39 -2.37 -2.85
N TRP A 4 0.19 -2.93 -2.66
CA TRP A 4 -0.78 -2.44 -1.70
C TRP A 4 -0.35 -2.79 -0.28
N ASP A 5 -0.19 -1.77 0.57
CA ASP A 5 0.01 -1.95 2.00
C ASP A 5 -1.36 -1.91 2.68
N LEU A 6 -1.76 -3.02 3.29
CA LEU A 6 -3.05 -3.18 3.96
C LEU A 6 -3.13 -2.34 5.23
N LEU A 7 -2.00 -2.09 5.90
CA LEU A 7 -1.95 -1.41 7.19
C LEU A 7 -2.46 0.03 7.07
N VAL A 8 -1.84 0.81 6.17
CA VAL A 8 -2.19 2.21 5.95
C VAL A 8 -3.26 2.33 4.87
N ARG A 9 -3.41 1.32 4.00
CA ARG A 9 -4.38 1.26 2.92
C ARG A 9 -4.01 2.25 1.83
N HIS A 10 -2.81 2.07 1.26
CA HIS A 10 -2.32 2.83 0.12
C HIS A 10 -1.36 1.99 -0.72
N TRP A 11 -1.12 2.44 -1.95
CA TRP A 11 -0.15 1.83 -2.86
C TRP A 11 1.24 2.38 -2.55
N VAL A 12 2.16 1.48 -2.20
CA VAL A 12 3.55 1.79 -1.90
C VAL A 12 4.36 1.46 -3.15
N CYS A 13 4.76 2.49 -3.90
CA CYS A 13 5.47 2.37 -5.16
C CYS A 13 6.96 2.59 -4.92
N CYS A 2 3.44 -0.40 -7.96
CA CYS A 2 3.36 -0.33 -6.50
C CYS A 2 2.66 -1.58 -5.95
N HIS A 3 2.96 -1.92 -4.70
CA HIS A 3 2.27 -2.95 -3.94
C HIS A 3 1.27 -2.28 -3.00
N TRP A 4 0.16 -2.96 -2.70
CA TRP A 4 -0.85 -2.45 -1.79
C TRP A 4 -0.41 -2.70 -0.35
N ASP A 5 -0.22 -1.61 0.41
CA ASP A 5 0.12 -1.66 1.81
C ASP A 5 -1.18 -1.68 2.63
N LEU A 6 -1.49 -2.83 3.21
CA LEU A 6 -2.68 -3.07 4.01
C LEU A 6 -2.67 -2.30 5.33
N LEU A 7 -1.49 -1.91 5.84
CA LEU A 7 -1.34 -1.24 7.12
C LEU A 7 -2.03 0.12 7.11
N VAL A 8 -1.87 0.87 6.02
CA VAL A 8 -2.45 2.19 5.83
C VAL A 8 -3.62 2.15 4.83
N ARG A 9 -3.65 1.13 3.95
CA ARG A 9 -4.61 0.97 2.85
C ARG A 9 -4.34 2.00 1.76
N HIS A 10 -3.12 1.97 1.21
CA HIS A 10 -2.73 2.77 0.05
C HIS A 10 -1.65 2.04 -0.76
N TRP A 11 -1.39 2.53 -1.97
CA TRP A 11 -0.33 2.03 -2.83
C TRP A 11 1.02 2.55 -2.37
N VAL A 12 2.04 1.68 -2.39
CA VAL A 12 3.41 1.99 -2.01
C VAL A 12 4.36 1.36 -3.03
N CYS A 13 5.19 2.18 -3.68
CA CYS A 13 6.25 1.73 -4.56
C CYS A 13 7.55 1.77 -3.77
N CYS A 2 4.30 -1.09 -7.88
CA CYS A 2 3.75 -0.74 -6.58
C CYS A 2 3.09 -1.97 -5.95
N HIS A 3 2.97 -1.94 -4.62
CA HIS A 3 2.30 -2.98 -3.84
C HIS A 3 1.35 -2.34 -2.83
N TRP A 4 0.20 -2.97 -2.61
CA TRP A 4 -0.80 -2.48 -1.69
C TRP A 4 -0.40 -2.78 -0.25
N ASP A 5 -0.14 -1.72 0.52
CA ASP A 5 0.09 -1.83 1.95
C ASP A 5 -1.27 -1.68 2.64
N LEU A 6 -1.87 -2.81 3.03
CA LEU A 6 -3.16 -2.87 3.68
C LEU A 6 -3.16 -2.31 5.11
N LEU A 7 -1.98 -2.09 5.71
CA LEU A 7 -1.87 -1.55 7.05
C LEU A 7 -2.37 -0.11 7.08
N VAL A 8 -1.80 0.74 6.22
CA VAL A 8 -2.18 2.14 6.07
C VAL A 8 -3.30 2.27 5.02
N ARG A 9 -3.40 1.30 4.11
CA ARG A 9 -4.39 1.23 3.03
C ARG A 9 -4.05 2.23 1.94
N HIS A 10 -2.86 2.07 1.35
CA HIS A 10 -2.39 2.84 0.21
C HIS A 10 -1.43 2.01 -0.63
N TRP A 11 -1.21 2.46 -1.88
CA TRP A 11 -0.24 1.86 -2.78
C TRP A 11 1.15 2.45 -2.50
N VAL A 12 2.09 1.59 -2.14
CA VAL A 12 3.47 1.94 -1.87
C VAL A 12 4.27 1.58 -3.13
N CYS A 13 4.76 2.61 -3.83
CA CYS A 13 5.46 2.49 -5.10
C CYS A 13 6.97 2.56 -4.90
N CYS A 2 4.32 -1.10 -7.89
CA CYS A 2 3.78 -0.77 -6.58
C CYS A 2 3.18 -2.02 -5.93
N HIS A 3 3.06 -1.99 -4.60
CA HIS A 3 2.43 -3.04 -3.81
C HIS A 3 1.45 -2.42 -2.82
N TRP A 4 0.32 -3.09 -2.59
CA TRP A 4 -0.73 -2.60 -1.72
C TRP A 4 -0.36 -2.83 -0.26
N ASP A 5 -0.08 -1.76 0.47
CA ASP A 5 0.09 -1.80 1.91
C ASP A 5 -1.28 -1.56 2.55
N LEU A 6 -1.96 -2.65 2.89
CA LEU A 6 -3.27 -2.65 3.53
C LEU A 6 -3.22 -2.00 4.90
N LEU A 7 -2.09 -2.14 5.62
CA LEU A 7 -1.90 -1.66 6.98
C LEU A 7 -2.26 -0.18 7.11
N VAL A 8 -1.73 0.65 6.21
CA VAL A 8 -2.05 2.07 6.14
C VAL A 8 -3.26 2.26 5.19
N ARG A 9 -3.38 1.42 4.17
CA ARG A 9 -4.46 1.39 3.19
C ARG A 9 -4.10 2.28 2.00
N HIS A 10 -2.91 2.06 1.43
CA HIS A 10 -2.42 2.80 0.26
C HIS A 10 -1.48 1.94 -0.59
N TRP A 11 -1.26 2.37 -1.83
CA TRP A 11 -0.26 1.79 -2.72
C TRP A 11 1.11 2.40 -2.42
N VAL A 12 2.07 1.55 -2.10
CA VAL A 12 3.46 1.93 -1.87
C VAL A 12 4.23 1.60 -3.15
N CYS A 13 4.68 2.65 -3.85
CA CYS A 13 5.36 2.54 -5.14
C CYS A 13 6.87 2.67 -4.96
N CYS A 2 4.61 -0.77 -7.22
CA CYS A 2 3.36 -0.42 -6.55
C CYS A 2 2.69 -1.67 -5.98
N HIS A 3 2.88 -1.90 -4.68
CA HIS A 3 2.26 -2.98 -3.93
C HIS A 3 1.34 -2.37 -2.86
N TRP A 4 0.17 -2.98 -2.66
CA TRP A 4 -0.83 -2.50 -1.73
C TRP A 4 -0.41 -2.82 -0.28
N ASP A 5 -0.15 -1.78 0.50
CA ASP A 5 0.07 -1.89 1.93
C ASP A 5 -1.28 -1.74 2.62
N LEU A 6 -1.82 -2.86 3.11
CA LEU A 6 -3.11 -2.93 3.78
C LEU A 6 -3.05 -2.52 5.26
N LEU A 7 -1.92 -1.95 5.72
CA LEU A 7 -1.79 -1.41 7.07
C LEU A 7 -2.31 0.02 7.07
N VAL A 8 -1.81 0.85 6.15
CA VAL A 8 -2.23 2.23 5.95
C VAL A 8 -3.38 2.28 4.93
N ARG A 9 -3.51 1.26 4.07
CA ARG A 9 -4.44 1.18 2.95
C ARG A 9 -4.03 2.20 1.88
N HIS A 10 -2.82 2.02 1.32
CA HIS A 10 -2.34 2.79 0.18
C HIS A 10 -1.38 1.97 -0.67
N TRP A 11 -1.14 2.42 -1.89
CA TRP A 11 -0.18 1.83 -2.82
C TRP A 11 1.22 2.39 -2.52
N VAL A 12 2.14 1.50 -2.15
CA VAL A 12 3.53 1.83 -1.88
C VAL A 12 4.33 1.47 -3.12
N CYS A 13 4.76 2.48 -3.88
CA CYS A 13 5.49 2.33 -5.13
C CYS A 13 6.98 2.54 -4.86
N CYS A 2 4.59 -0.80 -7.22
CA CYS A 2 3.34 -0.45 -6.55
C CYS A 2 2.69 -1.70 -5.96
N HIS A 3 2.90 -1.91 -4.65
CA HIS A 3 2.30 -2.99 -3.88
C HIS A 3 1.38 -2.38 -2.81
N TRP A 4 0.21 -2.98 -2.61
CA TRP A 4 -0.77 -2.49 -1.66
C TRP A 4 -0.35 -2.80 -0.23
N ASP A 5 -0.12 -1.74 0.56
CA ASP A 5 0.09 -1.86 2.00
C ASP A 5 -1.28 -1.76 2.66
N LEU A 6 -1.81 -2.89 3.12
CA LEU A 6 -3.11 -3.00 3.76
C LEU A 6 -3.14 -2.29 5.12
N LEU A 7 -1.99 -2.13 5.77
CA LEU A 7 -1.89 -1.51 7.10
C LEU A 7 -2.41 -0.07 7.06
N VAL A 8 -1.82 0.76 6.19
CA VAL A 8 -2.19 2.15 6.02
C VAL A 8 -3.30 2.30 4.97
N ARG A 9 -3.41 1.33 4.04
CA ARG A 9 -4.38 1.27 2.96
C ARG A 9 -4.01 2.27 1.87
N HIS A 10 -2.80 2.09 1.29
CA HIS A 10 -2.33 2.83 0.14
C HIS A 10 -1.38 1.99 -0.69
N TRP A 11 -1.15 2.41 -1.94
CA TRP A 11 -0.20 1.80 -2.85
C TRP A 11 1.19 2.38 -2.58
N VAL A 12 2.13 1.50 -2.20
CA VAL A 12 3.51 1.85 -1.91
C VAL A 12 4.33 1.49 -3.15
N CYS A 13 4.73 2.50 -3.92
CA CYS A 13 5.45 2.36 -5.18
C CYS A 13 6.94 2.59 -4.93
N CYS A 2 4.73 -0.89 -7.25
CA CYS A 2 3.47 -0.49 -6.63
C CYS A 2 2.75 -1.69 -6.06
N HIS A 3 2.93 -1.95 -4.76
CA HIS A 3 2.25 -2.98 -4.00
C HIS A 3 1.37 -2.30 -2.96
N TRP A 4 0.18 -2.87 -2.71
CA TRP A 4 -0.76 -2.30 -1.76
C TRP A 4 -0.38 -2.69 -0.33
N ASP A 5 -0.16 -1.68 0.51
CA ASP A 5 0.06 -1.86 1.94
C ASP A 5 -1.31 -1.78 2.63
N LEU A 6 -1.75 -2.91 3.18
CA LEU A 6 -3.00 -3.06 3.90
C LEU A 6 -3.03 -2.23 5.19
N LEU A 7 -1.88 -2.06 5.84
CA LEU A 7 -1.78 -1.42 7.15
C LEU A 7 -2.31 0.01 7.10
N VAL A 8 -1.79 0.82 6.17
CA VAL A 8 -2.20 2.20 5.97
C VAL A 8 -3.37 2.26 4.96
N ARG A 9 -3.48 1.26 4.08
CA ARG A 9 -4.49 1.15 3.04
C ARG A 9 -4.18 2.13 1.91
N HIS A 10 -2.99 1.99 1.32
CA HIS A 10 -2.55 2.77 0.16
C HIS A 10 -1.57 1.98 -0.69
N TRP A 11 -1.30 2.48 -1.90
CA TRP A 11 -0.24 1.97 -2.75
C TRP A 11 1.12 2.44 -2.23
N VAL A 12 2.12 1.57 -2.32
CA VAL A 12 3.51 1.84 -1.97
C VAL A 12 4.36 1.42 -3.16
N CYS A 13 4.87 2.42 -3.91
CA CYS A 13 5.63 2.22 -5.13
C CYS A 13 7.12 2.36 -4.81
N CYS A 2 4.24 -1.06 -7.92
CA CYS A 2 3.72 -0.72 -6.60
C CYS A 2 3.07 -1.95 -5.96
N HIS A 3 2.97 -1.94 -4.63
CA HIS A 3 2.30 -2.99 -3.86
C HIS A 3 1.37 -2.35 -2.84
N TRP A 4 0.21 -2.97 -2.61
CA TRP A 4 -0.78 -2.47 -1.69
C TRP A 4 -0.37 -2.76 -0.25
N ASP A 5 -0.12 -1.72 0.53
CA ASP A 5 0.08 -1.83 1.96
C ASP A 5 -1.28 -1.68 2.64
N LEU A 6 -1.84 -2.82 3.07
CA LEU A 6 -3.13 -2.91 3.73
C LEU A 6 -3.14 -2.20 5.08
N LEU A 7 -1.99 -2.13 5.77
CA LEU A 7 -1.88 -1.55 7.10
C LEU A 7 -2.37 -0.10 7.10
N VAL A 8 -1.83 0.72 6.20
CA VAL A 8 -2.21 2.12 6.03
C VAL A 8 -3.37 2.25 5.03
N ARG A 9 -3.48 1.28 4.10
CA ARG A 9 -4.44 1.25 3.01
C ARG A 9 -4.05 2.26 1.93
N HIS A 10 -2.85 2.08 1.36
CA HIS A 10 -2.37 2.85 0.22
C HIS A 10 -1.40 2.02 -0.63
N TRP A 11 -1.18 2.46 -1.86
CA TRP A 11 -0.21 1.87 -2.77
C TRP A 11 1.17 2.45 -2.48
N VAL A 12 2.11 1.58 -2.13
CA VAL A 12 3.50 1.91 -1.87
C VAL A 12 4.29 1.57 -3.13
N CYS A 13 4.77 2.60 -3.83
CA CYS A 13 5.45 2.49 -5.11
C CYS A 13 6.97 2.55 -4.95
N CYS A 2 3.88 -1.02 -8.06
CA CYS A 2 3.55 -0.66 -6.69
C CYS A 2 2.83 -1.83 -6.01
N HIS A 3 2.96 -1.92 -4.68
CA HIS A 3 2.37 -2.97 -3.87
C HIS A 3 1.46 -2.34 -2.81
N TRP A 4 0.28 -2.93 -2.61
CA TRP A 4 -0.72 -2.42 -1.67
C TRP A 4 -0.30 -2.74 -0.24
N ASP A 5 -0.07 -1.70 0.56
CA ASP A 5 0.13 -1.81 1.99
C ASP A 5 -1.24 -1.68 2.65
N LEU A 6 -1.77 -2.81 3.13
CA LEU A 6 -3.08 -2.92 3.75
C LEU A 6 -3.13 -2.20 5.10
N LEU A 7 -2.00 -2.11 5.81
CA LEU A 7 -1.94 -1.52 7.15
C LEU A 7 -2.42 -0.07 7.13
N VAL A 8 -1.85 0.73 6.21
CA VAL A 8 -2.23 2.13 6.02
C VAL A 8 -3.36 2.25 4.99
N ARG A 9 -3.46 1.27 4.06
CA ARG A 9 -4.44 1.23 2.98
C ARG A 9 -4.07 2.21 1.88
N HIS A 10 -2.88 2.03 1.29
CA HIS A 10 -2.41 2.78 0.14
C HIS A 10 -1.46 1.95 -0.70
N TRP A 11 -1.18 2.44 -1.91
CA TRP A 11 -0.19 1.86 -2.81
C TRP A 11 1.19 2.44 -2.48
N VAL A 12 2.12 1.55 -2.13
CA VAL A 12 3.51 1.87 -1.86
C VAL A 12 4.31 1.53 -3.11
N CYS A 13 4.85 2.56 -3.77
CA CYS A 13 5.61 2.44 -5.01
C CYS A 13 7.11 2.49 -4.71
N CYS A 2 4.89 -1.04 -7.09
CA CYS A 2 3.60 -0.60 -6.58
C CYS A 2 2.84 -1.79 -5.98
N HIS A 3 3.04 -2.00 -4.67
CA HIS A 3 2.37 -3.02 -3.89
C HIS A 3 1.37 -2.37 -2.93
N TRP A 4 0.28 -3.08 -2.65
CA TRP A 4 -0.78 -2.60 -1.77
C TRP A 4 -0.37 -2.79 -0.31
N ASP A 5 -0.10 -1.69 0.40
CA ASP A 5 0.12 -1.70 1.83
C ASP A 5 -1.24 -1.51 2.51
N LEU A 6 -1.89 -2.63 2.83
CA LEU A 6 -3.16 -2.66 3.52
C LEU A 6 -3.11 -2.05 4.93
N LEU A 7 -1.92 -2.08 5.57
CA LEU A 7 -1.71 -1.59 6.92
C LEU A 7 -2.16 -0.13 7.06
N VAL A 8 -1.65 0.74 6.19
CA VAL A 8 -2.06 2.14 6.11
C VAL A 8 -3.26 2.27 5.16
N ARG A 9 -3.39 1.33 4.21
CA ARG A 9 -4.49 1.22 3.26
C ARG A 9 -4.25 2.13 2.07
N HIS A 10 -3.06 2.01 1.46
CA HIS A 10 -2.66 2.75 0.27
C HIS A 10 -1.66 1.95 -0.56
N TRP A 11 -1.43 2.39 -1.80
CA TRP A 11 -0.38 1.84 -2.65
C TRP A 11 0.97 2.45 -2.28
N VAL A 12 2.02 1.63 -2.34
CA VAL A 12 3.39 2.02 -2.04
C VAL A 12 4.26 1.53 -3.20
N CYS A 13 4.81 2.47 -3.98
CA CYS A 13 5.64 2.20 -5.14
C CYS A 13 7.11 2.35 -4.74
N CYS A 2 4.40 -0.93 -8.04
CA CYS A 2 3.85 -0.67 -6.72
C CYS A 2 3.27 -1.94 -6.12
N HIS A 3 3.15 -1.98 -4.79
CA HIS A 3 2.52 -3.05 -4.05
C HIS A 3 1.57 -2.45 -3.01
N TRP A 4 0.45 -3.13 -2.77
CA TRP A 4 -0.55 -2.66 -1.82
C TRP A 4 -0.07 -2.86 -0.38
N ASP A 5 -0.38 -1.90 0.48
CA ASP A 5 -0.19 -1.97 1.91
C ASP A 5 -1.53 -1.66 2.58
N LEU A 6 -2.18 -2.70 3.10
CA LEU A 6 -3.46 -2.61 3.81
C LEU A 6 -3.30 -1.86 5.13
N LEU A 7 -2.16 -2.08 5.82
CA LEU A 7 -1.88 -1.56 7.17
C LEU A 7 -2.20 -0.07 7.28
N VAL A 8 -1.71 0.72 6.32
CA VAL A 8 -2.08 2.13 6.17
C VAL A 8 -3.31 2.21 5.27
N ARG A 9 -3.29 1.49 4.15
CA ARG A 9 -4.40 1.43 3.22
C ARG A 9 -4.08 2.29 2.00
N HIS A 10 -2.91 2.05 1.40
CA HIS A 10 -2.43 2.77 0.24
C HIS A 10 -1.51 1.89 -0.62
N TRP A 11 -1.23 2.34 -1.84
CA TRP A 11 -0.25 1.74 -2.72
C TRP A 11 1.13 2.33 -2.42
N VAL A 12 2.10 1.46 -2.13
CA VAL A 12 3.49 1.82 -1.88
C VAL A 12 4.26 1.56 -3.16
N CYS A 13 4.68 2.64 -3.82
CA CYS A 13 5.36 2.61 -5.11
C CYS A 13 6.86 2.76 -4.94
N CYS A 2 4.89 -1.06 -7.06
CA CYS A 2 3.61 -0.57 -6.58
C CYS A 2 2.79 -1.73 -6.01
N HIS A 3 2.98 -1.99 -4.71
CA HIS A 3 2.27 -3.01 -3.95
C HIS A 3 1.28 -2.33 -3.01
N TRP A 4 0.17 -3.01 -2.71
CA TRP A 4 -0.83 -2.50 -1.79
C TRP A 4 -0.37 -2.72 -0.36
N ASP A 5 -0.15 -1.63 0.38
CA ASP A 5 0.11 -1.65 1.80
C ASP A 5 -1.22 -1.55 2.53
N LEU A 6 -1.75 -2.71 2.95
CA LEU A 6 -3.02 -2.82 3.66
C LEU A 6 -2.97 -2.22 5.07
N LEU A 7 -1.77 -2.06 5.65
CA LEU A 7 -1.59 -1.53 7.00
C LEU A 7 -2.15 -0.10 7.08
N VAL A 8 -1.69 0.78 6.19
CA VAL A 8 -2.14 2.15 6.08
C VAL A 8 -3.34 2.25 5.14
N ARG A 9 -3.43 1.34 4.16
CA ARG A 9 -4.51 1.19 3.18
C ARG A 9 -4.28 2.12 1.99
N HIS A 10 -3.11 2.01 1.37
CA HIS A 10 -2.74 2.76 0.17
C HIS A 10 -1.75 1.95 -0.67
N TRP A 11 -1.42 2.47 -1.86
CA TRP A 11 -0.38 1.92 -2.72
C TRP A 11 0.97 2.51 -2.30
N VAL A 12 2.01 1.65 -2.32
CA VAL A 12 3.38 2.00 -2.00
C VAL A 12 4.26 1.49 -3.14
N CYS A 13 4.88 2.42 -3.88
CA CYS A 13 5.73 2.12 -5.03
C CYS A 13 7.19 2.18 -4.60
N CYS A 2 3.42 -0.47 -7.96
CA CYS A 2 3.35 -0.38 -6.51
C CYS A 2 2.70 -1.62 -5.92
N HIS A 3 3.03 -1.93 -4.66
CA HIS A 3 2.39 -2.98 -3.88
C HIS A 3 1.37 -2.34 -2.94
N TRP A 4 0.29 -3.08 -2.62
CA TRP A 4 -0.74 -2.61 -1.72
C TRP A 4 -0.27 -2.77 -0.27
N ASP A 5 -0.08 -1.65 0.43
CA ASP A 5 0.19 -1.63 1.86
C ASP A 5 -1.16 -1.56 2.58
N LEU A 6 -1.67 -2.72 2.99
CA LEU A 6 -2.92 -2.86 3.72
C LEU A 6 -2.88 -2.26 5.14
N LEU A 7 -1.68 -1.94 5.65
CA LEU A 7 -1.51 -1.37 6.98
C LEU A 7 -2.19 0.01 7.02
N VAL A 8 -1.77 0.91 6.12
CA VAL A 8 -2.35 2.24 5.97
C VAL A 8 -3.52 2.20 4.99
N ARG A 9 -3.54 1.21 4.08
CA ARG A 9 -4.52 1.03 3.02
C ARG A 9 -4.28 2.04 1.91
N HIS A 10 -3.07 1.98 1.33
CA HIS A 10 -2.69 2.75 0.15
C HIS A 10 -1.64 1.98 -0.66
N TRP A 11 -1.41 2.42 -1.90
CA TRP A 11 -0.40 1.86 -2.78
C TRP A 11 0.96 2.50 -2.46
N VAL A 12 2.01 1.67 -2.43
CA VAL A 12 3.37 2.06 -2.10
C VAL A 12 4.33 1.43 -3.10
N CYS A 13 5.13 2.26 -3.78
CA CYS A 13 6.19 1.83 -4.66
C CYS A 13 7.50 1.92 -3.88
N CYS A 2 4.58 -0.73 -7.24
CA CYS A 2 3.34 -0.39 -6.55
C CYS A 2 2.67 -1.66 -6.00
N HIS A 3 2.88 -1.91 -4.70
CA HIS A 3 2.26 -2.99 -3.96
C HIS A 3 1.37 -2.38 -2.87
N TRP A 4 0.18 -2.97 -2.67
CA TRP A 4 -0.79 -2.45 -1.72
C TRP A 4 -0.38 -2.80 -0.29
N ASP A 5 -0.12 -1.77 0.52
CA ASP A 5 0.08 -1.91 1.95
C ASP A 5 -1.27 -1.76 2.63
N LEU A 6 -1.82 -2.87 3.15
CA LEU A 6 -3.12 -2.91 3.80
C LEU A 6 -3.10 -2.42 5.25
N LEU A 7 -1.95 -1.98 5.77
CA LEU A 7 -1.84 -1.41 7.11
C LEU A 7 -2.36 0.04 7.06
N VAL A 8 -1.77 0.85 6.17
CA VAL A 8 -2.12 2.23 5.93
C VAL A 8 -3.21 2.33 4.85
N ARG A 9 -3.40 1.27 4.04
CA ARG A 9 -4.39 1.17 2.98
C ARG A 9 -4.07 2.16 1.87
N HIS A 10 -2.89 2.00 1.26
CA HIS A 10 -2.43 2.76 0.11
C HIS A 10 -1.48 1.92 -0.75
N TRP A 11 -1.15 2.43 -1.93
CA TRP A 11 -0.16 1.86 -2.82
C TRP A 11 1.23 2.39 -2.46
N VAL A 12 2.14 1.48 -2.11
CA VAL A 12 3.53 1.79 -1.83
C VAL A 12 4.33 1.44 -3.08
N CYS A 13 4.75 2.48 -3.82
CA CYS A 13 5.47 2.35 -5.09
C CYS A 13 6.96 2.54 -4.83
N CYS A 2 4.71 -0.85 -7.15
CA CYS A 2 3.44 -0.52 -6.53
C CYS A 2 2.79 -1.76 -5.93
N HIS A 3 2.98 -1.96 -4.62
CA HIS A 3 2.37 -3.02 -3.85
C HIS A 3 1.41 -2.42 -2.84
N TRP A 4 0.27 -3.08 -2.61
CA TRP A 4 -0.77 -2.60 -1.72
C TRP A 4 -0.37 -2.85 -0.26
N ASP A 5 -0.07 -1.76 0.46
CA ASP A 5 0.11 -1.80 1.90
C ASP A 5 -1.26 -1.56 2.54
N LEU A 6 -1.93 -2.64 2.92
CA LEU A 6 -3.24 -2.63 3.57
C LEU A 6 -3.17 -1.96 4.95
N LEU A 7 -2.03 -2.12 5.66
CA LEU A 7 -1.82 -1.64 7.02
C LEU A 7 -2.21 -0.17 7.17
N VAL A 8 -1.73 0.68 6.26
CA VAL A 8 -2.14 2.07 6.16
C VAL A 8 -3.35 2.15 5.23
N ARG A 9 -3.26 1.46 4.08
CA ARG A 9 -4.36 1.35 3.14
C ARG A 9 -4.06 2.21 1.91
N HIS A 10 -2.87 2.02 1.33
CA HIS A 10 -2.41 2.75 0.15
C HIS A 10 -1.45 1.92 -0.68
N TRP A 11 -1.25 2.33 -1.94
CA TRP A 11 -0.27 1.73 -2.84
C TRP A 11 1.10 2.36 -2.58
N VAL A 12 2.06 1.52 -2.18
CA VAL A 12 3.44 1.91 -1.92
C VAL A 12 4.26 1.53 -3.14
N CYS A 13 4.68 2.53 -3.92
CA CYS A 13 5.43 2.35 -5.15
C CYS A 13 6.92 2.60 -4.86
N CYS A 2 4.68 -0.88 -7.13
CA CYS A 2 3.42 -0.46 -6.53
C CYS A 2 2.67 -1.67 -5.96
N HIS A 3 2.87 -1.92 -4.66
CA HIS A 3 2.21 -2.96 -3.91
C HIS A 3 1.27 -2.34 -2.88
N TRP A 4 0.13 -2.98 -2.65
CA TRP A 4 -0.86 -2.49 -1.69
C TRP A 4 -0.37 -2.77 -0.27
N ASP A 5 -0.13 -1.70 0.49
CA ASP A 5 0.15 -1.78 1.91
C ASP A 5 -1.20 -1.68 2.64
N LEU A 6 -1.69 -2.83 3.10
CA LEU A 6 -2.98 -2.97 3.76
C LEU A 6 -3.03 -2.21 5.08
N LEU A 7 -1.90 -2.14 5.80
CA LEU A 7 -1.80 -1.51 7.12
C LEU A 7 -2.32 -0.08 7.09
N VAL A 8 -1.79 0.75 6.18
CA VAL A 8 -2.19 2.14 6.00
C VAL A 8 -3.32 2.25 4.98
N ARG A 9 -3.43 1.28 4.05
CA ARG A 9 -4.41 1.24 2.98
C ARG A 9 -4.05 2.22 1.87
N HIS A 10 -2.87 2.04 1.27
CA HIS A 10 -2.43 2.80 0.11
C HIS A 10 -1.48 1.97 -0.74
N TRP A 11 -1.22 2.45 -1.97
CA TRP A 11 -0.27 1.84 -2.90
C TRP A 11 1.11 2.43 -2.64
N VAL A 12 2.05 1.58 -2.18
CA VAL A 12 3.42 1.94 -1.89
C VAL A 12 4.26 1.50 -3.10
N CYS A 13 4.78 2.46 -3.85
CA CYS A 13 5.57 2.24 -5.05
C CYS A 13 7.05 2.38 -4.71
#